data_1SAA
#
_entry.id   1SAA
#
_cell.length_a   1.000
_cell.length_b   1.000
_cell.length_c   1.000
_cell.angle_alpha   90.00
_cell.angle_beta   90.00
_cell.angle_gamma   90.00
#
_symmetry.space_group_name_H-M   'P 1'
#
_entity_poly.entity_id   1
_entity_poly.type   'polydeoxyribonucleotide'
_entity_poly.pdbx_seq_one_letter_code
;(DC)(DA)(DT)(DG)(DT)(DG)(DA)(DC)(DG)(DT)(DC)(DA)(DC)(DA)(DT)(DG)
;
_entity_poly.pdbx_strand_id   A,B
#